data_5M6Q
#
_entry.id   5M6Q
#
_cell.length_a   106.870
_cell.length_b   106.870
_cell.length_c   56.080
_cell.angle_alpha   90.000
_cell.angle_beta   90.000
_cell.angle_gamma   120.000
#
_symmetry.space_group_name_H-M   'P 3'
#
loop_
_entity.id
_entity.type
_entity.pdbx_description
1 polymer 'Uncharacterized protein'
2 non-polymer '2-(N-MORPHOLINO)-ETHANESULFONIC ACID'
3 non-polymer 'CHLORIDE ION'
4 non-polymer 'TETRAETHYLENE GLYCOL'
5 water water
#
_entity_poly.entity_id   1
_entity_poly.type   'polypeptide(L)'
_entity_poly.pdbx_seq_one_letter_code
;APLAPPLAEDRSYRTWRVEDYVEAWERYHGREMTEDERENLARG(CME)IGVTVVNLNREDLSNPPLNLSFGSLRTAEAV
QAALNKIVDTHPSPAQYEAAVAKDPILKRLKNVVKALPSWIDSAKLKASIFSKRFYSWQNPDWSEERAHTTYRPDRETDQ
VDMSTYRYRARPGYVNFDYGWFDQDTNTWWHANHEEPRMVVYQSTLRHYSRPLQDFDEQVFTVAFAKKD
;
_entity_poly.pdbx_strand_id   A,B
#
loop_
_chem_comp.id
_chem_comp.type
_chem_comp.name
_chem_comp.formula
CL non-polymer 'CHLORIDE ION' 'Cl -1'
MES non-polymer '2-(N-MORPHOLINO)-ETHANESULFONIC ACID' 'C6 H13 N O4 S'
PG4 non-polymer 'TETRAETHYLENE GLYCOL' 'C8 H18 O5'
#
# COMPACT_ATOMS: atom_id res chain seq x y z
N ALA A 1 26.23 9.44 16.44
CA ALA A 1 25.89 8.03 16.20
C ALA A 1 24.46 7.89 15.70
N PRO A 2 24.30 7.45 14.44
CA PRO A 2 22.99 7.42 13.77
C PRO A 2 21.98 6.47 14.44
N LEU A 3 20.70 6.67 14.16
CA LEU A 3 19.65 5.86 14.73
C LEU A 3 19.86 4.39 14.34
N ALA A 4 20.21 4.20 13.07
CA ALA A 4 20.43 2.87 12.51
C ALA A 4 21.61 2.96 11.57
N PRO A 5 22.27 1.82 11.32
CA PRO A 5 23.35 1.88 10.33
C PRO A 5 22.79 2.08 8.93
N PRO A 6 23.64 2.49 7.98
CA PRO A 6 23.20 2.55 6.59
C PRO A 6 22.83 1.18 6.02
N LEU A 7 22.22 1.19 4.85
CA LEU A 7 21.88 -0.03 4.15
C LEU A 7 23.12 -0.64 3.53
N ALA A 8 23.13 -1.96 3.40
CA ALA A 8 24.16 -2.62 2.61
C ALA A 8 24.10 -2.11 1.17
N GLU A 9 25.21 -2.24 0.45
CA GLU A 9 25.31 -1.72 -0.91
C GLU A 9 24.32 -2.39 -1.86
N ASP A 10 23.97 -3.63 -1.58
CA ASP A 10 23.02 -4.34 -2.45
C ASP A 10 21.60 -4.42 -1.86
N ARG A 11 21.24 -3.47 -1.01
CA ARG A 11 19.93 -3.52 -0.38
C ARG A 11 19.13 -2.28 -0.69
N SER A 12 17.87 -2.49 -1.06
CA SER A 12 16.98 -1.38 -1.34
C SER A 12 16.23 -0.94 -0.09
N TYR A 13 16.12 -1.83 0.88
CA TYR A 13 15.43 -1.50 2.12
C TYR A 13 15.77 -2.47 3.24
N ARG A 14 15.52 -2.02 4.47
CA ARG A 14 15.61 -2.86 5.66
C ARG A 14 14.29 -2.78 6.42
N THR A 15 13.79 -3.93 6.89
CA THR A 15 12.54 -3.93 7.63
C THR A 15 12.78 -3.98 9.15
N TRP A 16 11.91 -3.29 9.88
CA TRP A 16 12.02 -3.16 11.32
C TRP A 16 10.74 -3.58 12.04
N ARG A 17 10.86 -4.47 13.02
CA ARG A 17 9.79 -4.63 13.98
C ARG A 17 9.60 -3.29 14.63
N VAL A 18 8.36 -2.90 14.88
CA VAL A 18 8.11 -1.64 15.55
C VAL A 18 8.88 -1.57 16.87
N GLU A 19 8.79 -2.63 17.68
CA GLU A 19 9.52 -2.69 18.94
C GLU A 19 11.02 -2.43 18.75
N ASP A 20 11.61 -2.95 17.68
CA ASP A 20 13.04 -2.75 17.48
C ASP A 20 13.33 -1.32 17.02
N TYR A 21 12.44 -0.75 16.21
CA TYR A 21 12.58 0.64 15.80
C TYR A 21 12.50 1.59 16.99
N VAL A 22 11.56 1.32 17.90
CA VAL A 22 11.37 2.18 19.06
C VAL A 22 12.64 2.18 19.91
N GLU A 23 13.20 1.01 20.17
CA GLU A 23 14.44 0.92 20.92
C GLU A 23 15.57 1.68 20.24
N ALA A 24 15.70 1.56 18.92
CA ALA A 24 16.74 2.32 18.25
C ALA A 24 16.45 3.81 18.38
N TRP A 25 15.19 4.18 18.19
CA TRP A 25 14.75 5.56 18.34
C TRP A 25 15.07 6.11 19.73
N GLU A 26 14.83 5.31 20.76
CA GLU A 26 15.07 5.77 22.13
C GLU A 26 16.56 5.91 22.42
N ARG A 27 17.38 5.03 21.85
CA ARG A 27 18.83 5.15 22.00
C ARG A 27 19.32 6.44 21.36
N TYR A 28 18.76 6.76 20.21
CA TYR A 28 19.22 7.90 19.41
C TYR A 28 18.79 9.23 20.02
N HIS A 29 17.54 9.32 20.43
CA HIS A 29 17.01 10.54 21.05
C HIS A 29 17.27 10.57 22.56
N GLY A 30 17.95 9.55 23.05
CA GLY A 30 18.39 9.52 24.45
C GLY A 30 17.28 9.62 25.48
N ARG A 31 16.11 9.08 25.15
CA ARG A 31 14.97 9.14 26.04
C ARG A 31 13.90 8.16 25.64
N GLU A 32 12.99 7.92 26.57
CA GLU A 32 11.89 7.01 26.35
C GLU A 32 10.84 7.66 25.45
N MET A 33 10.24 6.85 24.60
CA MET A 33 9.16 7.31 23.76
C MET A 33 7.89 7.31 24.62
N THR A 34 7.14 8.40 24.60
CA THR A 34 5.96 8.57 25.44
C THR A 34 4.75 7.82 24.89
N GLU A 35 3.67 7.85 25.66
CA GLU A 35 2.46 7.15 25.25
C GLU A 35 1.81 7.86 24.07
N ASP A 36 1.74 9.19 24.13
CA ASP A 36 1.27 9.96 22.99
C ASP A 36 2.11 9.67 21.74
N GLU A 37 3.42 9.50 21.91
CA GLU A 37 4.26 9.28 20.74
C GLU A 37 4.03 7.89 20.17
N ARG A 38 3.95 6.89 21.04
CA ARG A 38 3.65 5.52 20.61
C ARG A 38 2.32 5.45 19.91
N GLU A 39 1.35 6.22 20.40
CA GLU A 39 0.03 6.23 19.77
C GLU A 39 0.09 6.87 18.38
N ASN A 40 0.96 7.85 18.20
CA ASN A 40 1.11 8.51 16.91
C ASN A 40 1.84 7.57 15.94
N LEU A 41 2.89 6.93 16.43
CA LEU A 41 3.63 5.95 15.64
C LEU A 41 2.70 4.87 15.09
N ALA A 42 1.76 4.42 15.91
CA ALA A 42 0.85 3.34 15.53
C ALA A 42 -0.05 3.70 14.36
N ARG A 43 -0.02 4.95 13.94
CA ARG A 43 -0.79 5.37 12.78
C ARG A 43 -0.14 4.93 11.46
N GLY A 44 1.07 4.40 11.51
CA GLY A 44 1.71 3.96 10.30
C GLY A 44 2.72 4.95 9.76
N CME A 45 2.82 5.03 8.43
CA CME A 45 3.88 5.80 7.81
CB CME A 45 3.93 5.83 6.29
SG CME A 45 2.38 6.14 5.50
SD CME A 45 1.34 4.31 5.86
CE CME A 45 -0.23 4.67 6.59
CZ CME A 45 -1.41 4.08 5.82
OH CME A 45 -2.14 5.16 5.25
C CME A 45 3.81 7.24 8.27
O CME A 45 4.82 7.92 8.54
N ILE A 46 2.59 7.75 8.39
CA ILE A 46 2.39 9.15 8.77
C ILE A 46 2.88 9.35 10.21
N GLY A 47 2.73 8.32 11.03
CA GLY A 47 3.22 8.35 12.39
C GLY A 47 4.72 8.41 12.56
N VAL A 48 5.46 7.77 11.66
CA VAL A 48 6.91 7.79 11.71
C VAL A 48 7.37 9.24 11.59
N THR A 49 6.76 9.98 10.68
CA THR A 49 7.14 11.37 10.44
C THR A 49 6.65 12.29 11.56
N VAL A 50 5.41 12.11 12.01
CA VAL A 50 4.86 12.92 13.09
C VAL A 50 5.70 12.77 14.34
N VAL A 51 6.08 11.54 14.66
CA VAL A 51 6.89 11.33 15.84
C VAL A 51 8.25 12.03 15.68
N ASN A 52 8.84 11.98 14.50
CA ASN A 52 10.14 12.60 14.32
C ASN A 52 10.12 14.14 14.31
N LEU A 53 9.00 14.76 13.95
CA LEU A 53 8.90 16.20 14.06
C LEU A 53 8.89 16.67 15.52
N ASN A 54 8.43 15.81 16.42
CA ASN A 54 8.57 16.05 17.87
C ASN A 54 7.78 17.29 18.27
N ARG A 55 6.62 17.46 17.64
CA ARG A 55 5.82 18.65 17.81
C ARG A 55 4.40 18.36 18.20
N GLU A 56 4.07 18.66 19.45
CA GLU A 56 2.77 18.32 20.01
C GLU A 56 1.65 19.10 19.34
N ASP A 57 1.98 20.21 18.68
CA ASP A 57 0.97 21.02 18.02
C ASP A 57 0.53 20.43 16.67
N LEU A 58 1.17 19.34 16.26
CA LEU A 58 0.84 18.70 14.99
C LEU A 58 0.17 17.34 15.19
N SER A 59 -0.89 17.10 14.44
CA SER A 59 -1.43 15.76 14.37
C SER A 59 -1.08 15.17 12.99
N ASN A 60 -0.99 16.04 11.98
CA ASN A 60 -0.50 15.65 10.67
C ASN A 60 0.75 16.44 10.30
N PRO A 61 1.63 15.84 9.49
CA PRO A 61 2.80 16.60 9.05
C PRO A 61 2.38 17.75 8.15
N PRO A 62 2.89 18.96 8.42
CA PRO A 62 2.42 20.13 7.66
C PRO A 62 2.95 20.14 6.23
N LEU A 63 2.11 20.54 5.27
CA LEU A 63 2.47 20.42 3.86
C LEU A 63 2.75 21.78 3.24
N ASN A 64 2.88 22.80 4.09
CA ASN A 64 3.05 24.20 3.69
C ASN A 64 4.17 24.42 2.68
N LEU A 65 5.28 23.74 2.90
CA LEU A 65 6.50 23.95 2.14
C LEU A 65 6.85 22.67 1.42
N SER A 66 6.13 22.40 0.34
CA SER A 66 6.29 21.17 -0.44
C SER A 66 6.86 21.46 -1.82
N PHE A 67 7.76 20.60 -2.28
CA PHE A 67 8.47 20.86 -3.53
C PHE A 67 8.56 19.62 -4.43
N GLY A 68 8.66 19.85 -5.74
CA GLY A 68 8.72 18.78 -6.71
C GLY A 68 10.03 17.98 -6.67
N SER A 69 11.09 18.57 -6.16
CA SER A 69 12.36 17.84 -6.12
C SER A 69 13.05 17.92 -4.76
N LEU A 70 13.76 16.85 -4.40
CA LEU A 70 14.51 16.78 -3.17
C LEU A 70 15.54 17.92 -3.06
N ARG A 71 16.20 18.25 -4.17
CA ARG A 71 17.24 19.28 -4.13
C ARG A 71 16.69 20.65 -3.71
N THR A 72 15.50 20.98 -4.18
CA THR A 72 14.88 22.23 -3.75
C THR A 72 14.59 22.20 -2.26
N ALA A 73 14.05 21.09 -1.78
CA ALA A 73 13.75 20.95 -0.37
C ALA A 73 15.03 21.08 0.45
N GLU A 74 16.12 20.54 -0.07
CA GLU A 74 17.38 20.64 0.64
C GLU A 74 17.87 22.09 0.71
N ALA A 75 17.64 22.85 -0.36
CA ALA A 75 18.07 24.25 -0.36
C ALA A 75 17.22 25.07 0.62
N VAL A 76 15.94 24.73 0.70
CA VAL A 76 15.03 25.45 1.56
C VAL A 76 15.34 25.09 3.02
N GLN A 77 15.65 23.82 3.25
CA GLN A 77 16.09 23.38 4.57
C GLN A 77 17.31 24.16 5.03
N ALA A 78 18.33 24.26 4.18
CA ALA A 78 19.54 24.96 4.57
C ALA A 78 19.26 26.44 4.83
N ALA A 79 18.42 27.04 4.00
CA ALA A 79 18.10 28.45 4.17
C ALA A 79 17.39 28.69 5.51
N LEU A 80 16.40 27.86 5.83
CA LEU A 80 15.66 27.99 7.07
C LEU A 80 16.53 27.71 8.30
N ASN A 81 17.35 26.67 8.24
CA ASN A 81 18.26 26.37 9.34
C ASN A 81 19.21 27.55 9.59
N LYS A 82 19.67 28.17 8.53
CA LYS A 82 20.55 29.33 8.67
C LYS A 82 19.85 30.48 9.42
N ILE A 83 18.58 30.73 9.11
CA ILE A 83 17.84 31.77 9.83
C ILE A 83 17.54 31.40 11.30
N VAL A 84 17.02 30.19 11.57
CA VAL A 84 16.71 29.88 12.97
C VAL A 84 17.98 29.67 13.80
N ASP A 85 19.14 29.52 13.15
CA ASP A 85 20.39 29.45 13.90
C ASP A 85 20.80 30.78 14.52
N THR A 86 20.14 31.87 14.12
CA THR A 86 20.38 33.17 14.76
C THR A 86 19.41 33.44 15.93
N HIS A 87 18.63 32.43 16.30
CA HIS A 87 17.64 32.54 17.38
CA HIS A 87 17.64 32.54 17.37
C HIS A 87 16.71 33.73 17.18
N PRO A 88 15.99 33.79 16.04
CA PRO A 88 15.06 34.92 15.89
C PRO A 88 13.76 34.78 16.68
N SER A 89 13.15 35.91 17.02
CA SER A 89 11.76 35.94 17.47
C SER A 89 10.90 35.75 16.23
N PRO A 90 9.60 35.39 16.39
CA PRO A 90 8.76 35.28 15.20
C PRO A 90 8.82 36.49 14.28
N ALA A 91 8.83 37.71 14.81
CA ALA A 91 8.88 38.89 13.94
C ALA A 91 10.23 39.00 13.19
N GLN A 92 11.31 38.60 13.84
CA GLN A 92 12.63 38.64 13.23
C GLN A 92 12.75 37.59 12.14
N TYR A 93 12.07 36.47 12.34
CA TYR A 93 12.04 35.39 11.35
C TYR A 93 11.33 35.88 10.08
N GLU A 94 10.22 36.58 10.24
CA GLU A 94 9.45 37.06 9.11
C GLU A 94 10.31 38.03 8.30
N ALA A 95 11.01 38.91 8.99
CA ALA A 95 11.88 39.86 8.30
C ALA A 95 13.03 39.16 7.58
N ALA A 96 13.61 38.13 8.20
CA ALA A 96 14.74 37.42 7.62
C ALA A 96 14.32 36.65 6.37
N VAL A 97 13.16 36.03 6.47
CA VAL A 97 12.60 35.29 5.37
C VAL A 97 12.40 36.20 4.16
N ALA A 98 11.94 37.42 4.40
CA ALA A 98 11.70 38.41 3.33
C ALA A 98 12.98 38.83 2.59
N LYS A 99 14.13 38.73 3.24
CA LYS A 99 15.38 39.15 2.60
C LYS A 99 16.12 37.99 1.93
N ASP A 100 15.77 36.76 2.30
CA ASP A 100 16.48 35.59 1.78
C ASP A 100 16.14 35.31 0.32
N PRO A 101 17.17 35.26 -0.55
CA PRO A 101 16.98 35.09 -2.00
C PRO A 101 16.08 33.89 -2.40
N ILE A 102 16.12 32.80 -1.65
CA ILE A 102 15.27 31.67 -1.95
C ILE A 102 13.91 31.78 -1.28
N LEU A 103 13.90 32.05 0.01
CA LEU A 103 12.69 31.96 0.79
C LEU A 103 11.65 33.05 0.41
N LYS A 104 12.11 34.22 -0.02
CA LYS A 104 11.19 35.33 -0.27
C LYS A 104 10.28 35.08 -1.47
N ARG A 105 10.64 34.15 -2.35
CA ARG A 105 9.78 33.85 -3.48
C ARG A 105 8.75 32.78 -3.18
N LEU A 106 8.80 32.21 -1.98
CA LEU A 106 7.96 31.06 -1.65
C LEU A 106 6.64 31.43 -0.97
N LYS A 107 5.66 30.54 -1.03
CA LYS A 107 4.44 30.69 -0.26
C LYS A 107 4.54 29.93 1.06
N ASN A 108 3.92 30.46 2.11
CA ASN A 108 3.70 29.75 3.38
C ASN A 108 4.90 29.64 4.31
N VAL A 109 5.97 30.38 4.02
CA VAL A 109 7.18 30.29 4.83
C VAL A 109 6.95 30.85 6.23
N VAL A 110 6.21 31.94 6.32
CA VAL A 110 5.94 32.56 7.61
C VAL A 110 5.06 31.63 8.45
N LYS A 111 4.02 31.09 7.83
CA LYS A 111 3.12 30.16 8.49
C LYS A 111 3.85 28.90 9.01
N ALA A 112 4.95 28.54 8.37
CA ALA A 112 5.65 27.29 8.68
C ALA A 112 6.29 27.33 10.07
N LEU A 113 6.64 28.52 10.55
CA LEU A 113 7.20 28.63 11.89
C LEU A 113 6.16 28.41 12.99
N PRO A 114 6.45 27.49 13.93
CA PRO A 114 5.59 27.44 15.12
C PRO A 114 5.98 28.51 16.15
N SER A 115 5.20 29.57 16.24
CA SER A 115 5.49 30.71 17.14
C SER A 115 5.74 30.36 18.60
N TRP A 116 5.09 29.32 19.12
CA TRP A 116 5.19 29.00 20.54
C TRP A 116 6.45 28.19 20.91
N ILE A 117 7.19 27.71 19.92
CA ILE A 117 8.48 27.06 20.18
C ILE A 117 9.61 28.05 19.94
N ASP A 118 10.47 28.26 20.92
CA ASP A 118 11.60 29.16 20.73
C ASP A 118 12.52 28.69 19.59
N SER A 119 12.95 29.62 18.76
CA SER A 119 13.59 29.25 17.50
C SER A 119 14.93 28.52 17.70
N ALA A 120 15.52 28.67 18.87
CA ALA A 120 16.75 27.94 19.20
C ALA A 120 16.52 26.43 19.34
N LYS A 121 15.26 26.05 19.55
CA LYS A 121 14.89 24.64 19.68
C LYS A 121 14.38 24.02 18.36
N LEU A 122 14.53 24.73 17.24
CA LEU A 122 13.95 24.24 15.99
C LEU A 122 15.00 23.83 14.99
N LYS A 123 14.64 22.89 14.14
CA LYS A 123 15.45 22.57 12.98
C LYS A 123 14.53 22.24 11.81
N ALA A 124 14.92 22.67 10.62
CA ALA A 124 14.19 22.32 9.41
C ALA A 124 14.49 20.87 9.03
N SER A 125 13.46 20.08 8.81
CA SER A 125 13.60 18.68 8.48
C SER A 125 12.85 18.38 7.20
N ILE A 126 13.14 17.24 6.57
CA ILE A 126 12.54 16.88 5.29
C ILE A 126 11.80 15.55 5.41
N PHE A 127 10.66 15.48 4.76
CA PHE A 127 10.03 14.20 4.54
C PHE A 127 9.45 14.24 3.14
N SER A 128 9.16 13.07 2.58
CA SER A 128 8.61 12.97 1.26
C SER A 128 7.26 12.32 1.32
N LYS A 129 6.30 12.94 0.65
CA LYS A 129 4.95 12.43 0.67
C LYS A 129 4.54 12.01 -0.74
N ARG A 130 3.98 10.81 -0.82
CA ARG A 130 3.42 10.31 -2.05
C ARG A 130 1.91 10.26 -1.92
N PHE A 131 1.21 10.66 -2.97
CA PHE A 131 -0.23 10.77 -2.91
C PHE A 131 -0.86 10.68 -4.30
N TYR A 132 -2.18 10.75 -4.34
CA TYR A 132 -2.95 10.64 -5.57
C TYR A 132 -3.45 12.04 -5.97
N SER A 133 -3.33 12.35 -7.25
CA SER A 133 -3.59 13.70 -7.75
C SER A 133 -5.07 14.03 -7.80
N TRP A 134 -5.90 13.02 -8.02
CA TRP A 134 -7.33 13.25 -8.23
C TRP A 134 -8.06 13.41 -6.90
N GLN A 135 -7.88 14.56 -6.27
CA GLN A 135 -8.30 14.74 -4.88
C GLN A 135 -9.79 15.04 -4.76
N ASN A 136 -10.39 15.39 -5.88
CA ASN A 136 -11.84 15.60 -5.96
C ASN A 136 -12.31 14.84 -7.18
N PRO A 137 -13.20 13.85 -6.98
CA PRO A 137 -13.62 13.02 -8.10
C PRO A 137 -14.36 13.83 -9.17
N ASP A 138 -14.80 15.04 -8.82
CA ASP A 138 -15.45 15.95 -9.76
C ASP A 138 -14.45 16.63 -10.70
N TRP A 139 -13.18 16.73 -10.30
CA TRP A 139 -12.18 17.36 -11.15
C TRP A 139 -12.10 16.64 -12.49
N SER A 140 -11.86 17.39 -13.56
CA SER A 140 -11.51 16.80 -14.83
C SER A 140 -10.12 16.18 -14.70
N GLU A 141 -9.77 15.32 -15.65
CA GLU A 141 -8.43 14.74 -15.67
C GLU A 141 -7.36 15.82 -15.85
N GLU A 142 -7.67 16.85 -16.63
CA GLU A 142 -6.69 17.91 -16.85
C GLU A 142 -6.43 18.66 -15.54
N ARG A 143 -7.48 18.89 -14.76
CA ARG A 143 -7.29 19.55 -13.46
C ARG A 143 -6.50 18.66 -12.50
N ALA A 144 -6.87 17.38 -12.42
CA ALA A 144 -6.18 16.45 -11.52
C ALA A 144 -4.68 16.42 -11.83
N HIS A 145 -4.33 16.41 -13.11
CA HIS A 145 -2.95 16.21 -13.49
C HIS A 145 -2.11 17.47 -13.60
N THR A 146 -2.71 18.64 -13.37
CA THR A 146 -1.92 19.86 -13.37
C THR A 146 -1.94 20.56 -12.03
N THR A 147 -2.85 20.19 -11.14
CA THR A 147 -3.00 20.90 -9.87
C THR A 147 -1.72 20.84 -9.04
N TYR A 148 -1.01 19.72 -9.06
CA TYR A 148 0.15 19.59 -8.18
C TYR A 148 1.45 19.71 -8.93
N ARG A 149 1.43 20.40 -10.07
CA ARG A 149 2.67 20.63 -10.80
C ARG A 149 3.52 21.67 -10.08
N PRO A 150 4.83 21.41 -9.99
CA PRO A 150 5.73 22.35 -9.32
C PRO A 150 5.82 23.65 -10.10
N ASP A 151 5.86 24.75 -9.35
CA ASP A 151 6.15 26.06 -9.92
C ASP A 151 7.41 25.97 -10.78
N ARG A 152 7.30 26.35 -12.05
CA ARG A 152 8.45 26.30 -12.97
C ARG A 152 9.65 27.10 -12.48
N GLU A 153 9.43 28.04 -11.55
CA GLU A 153 10.55 28.85 -11.07
C GLU A 153 11.05 28.41 -9.69
N THR A 154 10.14 28.13 -8.77
CA THR A 154 10.55 27.85 -7.40
C THR A 154 10.46 26.38 -7.04
N ASP A 155 9.88 25.58 -7.94
CA ASP A 155 9.68 24.16 -7.72
C ASP A 155 8.65 23.89 -6.59
N GLN A 156 7.93 24.93 -6.15
CA GLN A 156 6.99 24.71 -5.04
C GLN A 156 5.68 24.11 -5.53
N VAL A 157 5.16 23.16 -4.76
CA VAL A 157 3.91 22.52 -5.12
C VAL A 157 2.82 23.07 -4.22
N ASP A 158 1.74 23.55 -4.82
CA ASP A 158 0.62 24.06 -4.08
C ASP A 158 -0.18 22.89 -3.52
N MET A 159 -0.19 22.73 -2.20
CA MET A 159 -0.90 21.62 -1.57
C MET A 159 -2.23 22.01 -0.94
N SER A 160 -2.68 23.24 -1.15
CA SER A 160 -3.87 23.70 -0.43
C SER A 160 -5.15 22.95 -0.81
N THR A 161 -5.20 22.39 -2.02
CA THR A 161 -6.38 21.63 -2.44
C THR A 161 -6.38 20.19 -1.95
N TYR A 162 -5.30 19.77 -1.29
CA TYR A 162 -5.15 18.37 -0.94
C TYR A 162 -6.11 17.94 0.18
N ARG A 163 -6.79 16.82 -0.01
CA ARG A 163 -7.84 16.36 0.91
C ARG A 163 -7.62 14.96 1.47
N TYR A 164 -6.42 14.41 1.31
CA TYR A 164 -6.10 13.05 1.76
C TYR A 164 -6.98 11.97 1.13
N ARG A 165 -7.47 12.22 -0.07
CA ARG A 165 -8.27 11.23 -0.79
C ARG A 165 -7.41 10.18 -1.46
N ALA A 166 -7.74 8.91 -1.26
CA ALA A 166 -7.04 7.79 -1.93
C ALA A 166 -7.57 7.57 -3.33
N ARG A 167 -6.70 7.09 -4.21
CA ARG A 167 -7.16 6.41 -5.40
C ARG A 167 -8.05 5.24 -4.96
N PRO A 168 -9.30 5.18 -5.46
CA PRO A 168 -10.23 4.13 -5.02
C PRO A 168 -9.62 2.73 -5.12
N GLY A 169 -9.60 1.99 -4.02
CA GLY A 169 -8.97 0.68 -3.98
C GLY A 169 -7.50 0.65 -3.58
N TYR A 170 -6.94 1.81 -3.25
CA TYR A 170 -5.52 1.91 -2.89
C TYR A 170 -5.33 2.66 -1.56
N VAL A 171 -4.09 2.72 -1.09
CA VAL A 171 -3.77 3.44 0.14
C VAL A 171 -3.72 4.94 -0.15
N ASN A 172 -4.14 5.79 0.79
CA ASN A 172 -4.20 7.23 0.55
C ASN A 172 -2.81 7.85 0.31
N PHE A 173 -1.82 7.48 1.11
CA PHE A 173 -0.54 8.15 1.01
C PHE A 173 0.63 7.28 1.47
N ASP A 174 1.84 7.76 1.21
CA ASP A 174 2.99 7.29 1.96
C ASP A 174 3.73 8.54 2.43
N TYR A 175 4.34 8.42 3.60
CA TYR A 175 5.25 9.44 4.14
C TYR A 175 6.59 8.81 4.39
N GLY A 176 7.65 9.48 3.98
CA GLY A 176 8.99 9.00 4.23
C GLY A 176 9.84 10.05 4.91
N TRP A 177 10.32 9.72 6.11
CA TRP A 177 11.15 10.62 6.87
C TRP A 177 12.58 10.58 6.35
N PHE A 178 13.13 11.73 6.03
CA PHE A 178 14.49 11.78 5.49
C PHE A 178 15.54 11.72 6.59
N ASP A 179 16.23 10.58 6.68
CA ASP A 179 17.31 10.40 7.63
C ASP A 179 18.59 10.81 6.91
N GLN A 180 19.09 11.99 7.22
CA GLN A 180 20.21 12.55 6.49
C GLN A 180 21.55 12.12 7.09
N ASP A 181 21.53 11.30 8.14
CA ASP A 181 22.77 10.67 8.60
C ASP A 181 23.14 9.54 7.65
N THR A 182 22.16 8.74 7.26
CA THR A 182 22.44 7.57 6.43
C THR A 182 21.89 7.68 5.03
N ASN A 183 21.23 8.79 4.73
CA ASN A 183 20.63 8.98 3.40
C ASN A 183 19.58 7.89 3.13
N THR A 184 18.73 7.61 4.12
CA THR A 184 17.63 6.67 3.93
C THR A 184 16.31 7.32 4.26
N TRP A 185 15.23 6.65 3.88
CA TRP A 185 13.89 7.16 3.98
C TRP A 185 13.07 6.19 4.82
N TRP A 186 12.54 6.70 5.94
CA TRP A 186 11.84 5.87 6.91
C TRP A 186 10.34 5.95 6.72
N HIS A 187 9.72 4.81 6.49
CA HIS A 187 8.29 4.79 6.30
C HIS A 187 7.74 3.52 6.92
N ALA A 188 6.53 3.13 6.54
CA ALA A 188 5.89 1.96 7.15
C ALA A 188 4.80 1.46 6.22
N ASN A 189 4.23 0.30 6.52
CA ASN A 189 3.23 -0.27 5.62
C ASN A 189 1.84 0.30 5.88
N HIS A 190 1.43 0.32 7.13
CA HIS A 190 0.11 0.81 7.50
C HIS A 190 0.05 0.91 9.02
N GLU A 191 -1.08 1.39 9.53
CA GLU A 191 -1.29 1.51 10.97
C GLU A 191 -1.31 0.17 11.69
N GLU A 192 -1.07 0.21 13.00
CA GLU A 192 -1.23 -0.97 13.85
C GLU A 192 -2.64 -1.53 13.75
N PRO A 193 -2.80 -2.86 13.91
CA PRO A 193 -1.73 -3.84 14.17
C PRO A 193 -0.95 -4.25 12.90
N ARG A 194 0.10 -5.07 13.11
CA ARG A 194 1.00 -5.58 12.08
C ARG A 194 1.69 -4.50 11.25
N MET A 195 1.87 -3.34 11.88
CA MET A 195 2.70 -2.30 11.29
C MET A 195 4.14 -2.78 11.22
N VAL A 196 4.81 -2.50 10.11
CA VAL A 196 6.23 -2.75 9.94
C VAL A 196 6.86 -1.45 9.50
N VAL A 197 7.99 -1.09 10.11
CA VAL A 197 8.76 0.09 9.71
C VAL A 197 9.77 -0.25 8.63
N TYR A 198 9.89 0.63 7.63
CA TYR A 198 10.83 0.42 6.54
C TYR A 198 11.90 1.49 6.53
N GLN A 199 13.10 1.09 6.19
CA GLN A 199 14.21 2.01 5.99
C GLN A 199 14.66 1.78 4.55
N SER A 200 14.34 2.72 3.67
CA SER A 200 14.55 2.51 2.23
C SER A 200 15.52 3.48 1.59
N THR A 201 16.09 3.05 0.47
CA THR A 201 16.73 4.02 -0.41
C THR A 201 15.63 4.92 -0.97
N LEU A 202 16.01 6.12 -1.41
CA LEU A 202 15.06 7.01 -2.07
C LEU A 202 14.45 6.37 -3.30
N ARG A 203 15.26 5.69 -4.10
CA ARG A 203 14.72 5.03 -5.29
C ARG A 203 13.63 4.02 -4.91
N HIS A 204 13.85 3.26 -3.84
CA HIS A 204 12.87 2.24 -3.48
C HIS A 204 11.61 2.88 -2.92
N TYR A 205 11.79 3.87 -2.05
CA TYR A 205 10.66 4.61 -1.50
C TYR A 205 9.83 5.24 -2.63
N SER A 206 10.50 5.68 -3.69
CA SER A 206 9.85 6.42 -4.78
C SER A 206 9.36 5.54 -5.95
N ARG A 207 9.59 4.24 -5.87
CA ARG A 207 9.28 3.35 -7.00
C ARG A 207 7.83 3.44 -7.50
N PRO A 208 7.61 3.23 -8.81
CA PRO A 208 6.27 3.27 -9.42
C PRO A 208 5.28 2.37 -8.69
N LEU A 209 4.12 2.91 -8.37
CA LEU A 209 3.10 2.16 -7.65
C LEU A 209 1.73 2.59 -8.18
N GLN A 210 0.78 1.68 -8.15
CA GLN A 210 -0.57 1.99 -8.62
C GLN A 210 -1.25 3.01 -7.70
N ASP A 211 -0.84 3.04 -6.43
CA ASP A 211 -1.49 3.89 -5.43
C ASP A 211 -1.35 5.38 -5.72
N PHE A 212 -0.18 5.76 -6.22
CA PHE A 212 0.26 7.16 -6.21
C PHE A 212 0.71 7.69 -7.57
N ASP A 213 0.41 8.94 -7.89
CA ASP A 213 1.01 9.51 -9.10
C ASP A 213 1.72 10.84 -8.84
N GLU A 214 1.81 11.21 -7.58
CA GLU A 214 2.49 12.43 -7.15
C GLU A 214 3.44 12.14 -6.00
N GLN A 215 4.55 12.87 -5.98
CA GLN A 215 5.49 12.82 -4.88
C GLN A 215 6.04 14.22 -4.67
N VAL A 216 6.06 14.66 -3.41
CA VAL A 216 6.65 15.95 -3.05
C VAL A 216 7.69 15.76 -1.95
N PHE A 217 8.58 16.74 -1.84
CA PHE A 217 9.56 16.77 -0.80
C PHE A 217 9.28 18.01 0.02
N THR A 218 9.09 17.80 1.32
CA THR A 218 8.47 18.79 2.17
C THR A 218 9.39 19.17 3.30
N VAL A 219 9.46 20.46 3.56
CA VAL A 219 10.30 20.97 4.63
C VAL A 219 9.40 21.41 5.75
N ALA A 220 9.71 21.01 6.97
CA ALA A 220 8.94 21.39 8.14
C ALA A 220 9.87 21.54 9.32
N PHE A 221 9.45 22.34 10.29
CA PHE A 221 10.25 22.50 11.49
C PHE A 221 10.01 21.36 12.44
N ALA A 222 11.11 20.77 12.89
CA ALA A 222 11.06 19.77 13.93
C ALA A 222 11.59 20.41 15.20
N LYS A 223 11.17 19.90 16.35
CA LYS A 223 11.75 20.36 17.60
C LYS A 223 12.92 19.46 17.97
N LYS A 224 14.09 20.06 18.20
CA LYS A 224 15.28 19.32 18.65
C LYS A 224 15.03 18.56 19.95
N ASP A 225 15.89 17.58 20.23
CA ASP A 225 15.89 16.88 21.52
C ASP A 225 16.24 17.84 22.65
N ALA B 1 -12.60 -3.96 -23.92
CA ALA B 1 -14.04 -4.06 -23.71
C ALA B 1 -14.34 -4.92 -22.49
N PRO B 2 -14.40 -4.31 -21.30
CA PRO B 2 -14.54 -4.99 -20.01
C PRO B 2 -15.78 -5.89 -19.92
N LEU B 3 -15.74 -6.86 -19.01
CA LEU B 3 -16.87 -7.75 -18.78
C LEU B 3 -18.08 -6.95 -18.35
N ALA B 4 -17.83 -5.83 -17.69
CA ALA B 4 -18.89 -4.95 -17.23
C ALA B 4 -18.34 -3.55 -17.01
N PRO B 5 -19.21 -2.54 -17.14
CA PRO B 5 -18.77 -1.17 -16.93
C PRO B 5 -18.37 -0.90 -15.48
N PRO B 6 -17.51 0.11 -15.27
CA PRO B 6 -17.16 0.60 -13.93
C PRO B 6 -18.40 0.88 -13.09
N LEU B 7 -18.24 0.85 -11.77
CA LEU B 7 -19.33 1.26 -10.91
C LEU B 7 -19.48 2.78 -11.02
N ALA B 8 -20.70 3.27 -10.80
CA ALA B 8 -20.92 4.69 -10.68
C ALA B 8 -20.15 5.20 -9.46
N GLU B 9 -19.56 6.39 -9.59
CA GLU B 9 -18.68 6.96 -8.59
C GLU B 9 -19.27 6.95 -7.18
N ASP B 10 -20.59 6.98 -7.09
CA ASP B 10 -21.27 7.05 -5.80
C ASP B 10 -21.76 5.70 -5.30
N ARG B 11 -21.46 4.63 -6.02
CA ARG B 11 -21.95 3.31 -5.64
C ARG B 11 -20.85 2.42 -5.05
N SER B 12 -21.20 1.70 -4.00
CA SER B 12 -20.23 0.81 -3.37
C SER B 12 -20.19 -0.54 -4.08
N TYR B 13 -21.34 -0.94 -4.63
CA TYR B 13 -21.42 -2.18 -5.39
C TYR B 13 -22.60 -2.19 -6.34
N ARG B 14 -22.62 -3.22 -7.17
CA ARG B 14 -23.71 -3.52 -8.08
C ARG B 14 -24.05 -4.99 -7.93
N THR B 15 -25.33 -5.29 -7.80
CA THR B 15 -25.79 -6.67 -7.71
C THR B 15 -26.10 -7.22 -9.08
N TRP B 16 -25.65 -8.45 -9.33
CA TRP B 16 -25.86 -9.13 -10.60
C TRP B 16 -26.63 -10.42 -10.41
N ARG B 17 -27.71 -10.60 -11.17
CA ARG B 17 -28.32 -11.92 -11.22
C ARG B 17 -27.35 -12.84 -11.92
N VAL B 18 -27.29 -14.09 -11.46
CA VAL B 18 -26.33 -15.06 -11.99
C VAL B 18 -26.38 -15.14 -13.50
N GLU B 19 -27.59 -15.23 -14.05
CA GLU B 19 -27.79 -15.35 -15.50
C GLU B 19 -27.19 -14.15 -16.24
N ASP B 20 -27.41 -12.95 -15.73
CA ASP B 20 -26.85 -11.75 -16.36
C ASP B 20 -25.33 -11.70 -16.25
N TYR B 21 -24.80 -12.27 -15.16
CA TYR B 21 -23.36 -12.38 -15.02
C TYR B 21 -22.80 -13.36 -16.04
N VAL B 22 -23.38 -14.55 -16.10
CA VAL B 22 -22.91 -15.59 -17.03
C VAL B 22 -22.90 -15.07 -18.46
N GLU B 23 -23.90 -14.27 -18.80
CA GLU B 23 -23.99 -13.73 -20.14
C GLU B 23 -22.85 -12.77 -20.42
N ALA B 24 -22.62 -11.85 -19.48
CA ALA B 24 -21.55 -10.87 -19.60
C ALA B 24 -20.21 -11.58 -19.67
N TRP B 25 -20.08 -12.64 -18.88
CA TRP B 25 -18.88 -13.44 -18.81
C TRP B 25 -18.63 -14.12 -20.15
N GLU B 26 -19.69 -14.72 -20.69
CA GLU B 26 -19.61 -15.44 -21.96
C GLU B 26 -19.29 -14.51 -23.12
N ARG B 27 -19.73 -13.26 -23.00
CA ARG B 27 -19.41 -12.24 -23.97
C ARG B 27 -17.95 -11.81 -23.87
N TYR B 28 -17.48 -11.59 -22.65
CA TYR B 28 -16.15 -11.06 -22.40
C TYR B 28 -15.06 -12.07 -22.75
N HIS B 29 -15.25 -13.30 -22.31
CA HIS B 29 -14.43 -14.41 -22.79
C HIS B 29 -15.03 -14.79 -24.14
N GLY B 30 -14.35 -15.65 -24.89
CA GLY B 30 -14.81 -15.88 -26.25
C GLY B 30 -15.83 -16.99 -26.43
N ARG B 31 -16.45 -17.42 -25.34
CA ARG B 31 -17.14 -18.71 -25.34
C ARG B 31 -18.29 -18.84 -24.34
N GLU B 32 -18.98 -19.96 -24.44
CA GLU B 32 -20.05 -20.30 -23.51
C GLU B 32 -19.46 -20.94 -22.27
N MET B 33 -20.12 -20.71 -21.13
CA MET B 33 -19.70 -21.35 -19.90
C MET B 33 -20.18 -22.79 -19.94
N THR B 34 -19.30 -23.72 -19.61
CA THR B 34 -19.60 -25.14 -19.65
C THR B 34 -20.45 -25.55 -18.47
N GLU B 35 -20.96 -26.78 -18.51
CA GLU B 35 -21.73 -27.34 -17.39
C GLU B 35 -20.88 -27.36 -16.12
N ASP B 36 -19.65 -27.85 -16.23
CA ASP B 36 -18.77 -27.96 -15.08
C ASP B 36 -18.47 -26.60 -14.46
N GLU B 37 -18.36 -25.57 -15.28
CA GLU B 37 -18.06 -24.24 -14.79
C GLU B 37 -19.27 -23.67 -14.07
N ARG B 38 -20.45 -23.86 -14.65
CA ARG B 38 -21.70 -23.41 -14.03
CA ARG B 38 -21.69 -23.40 -14.03
C ARG B 38 -21.91 -24.09 -12.68
N GLU B 39 -21.46 -25.34 -12.59
CA GLU B 39 -21.56 -26.08 -11.34
C GLU B 39 -20.64 -25.46 -10.28
N ASN B 40 -19.41 -25.14 -10.68
CA ASN B 40 -18.47 -24.43 -9.82
C ASN B 40 -19.02 -23.06 -9.41
N LEU B 41 -19.55 -22.33 -10.38
CA LEU B 41 -20.08 -21.00 -10.12
C LEU B 41 -21.18 -21.05 -9.05
N ALA B 42 -21.90 -22.18 -9.03
CA ALA B 42 -23.00 -22.38 -8.09
C ALA B 42 -22.53 -22.54 -6.64
N ARG B 43 -21.22 -22.62 -6.42
CA ARG B 43 -20.70 -22.79 -5.07
C ARG B 43 -20.58 -21.47 -4.32
N GLY B 44 -20.88 -20.37 -4.99
CA GLY B 44 -20.79 -19.07 -4.37
C GLY B 44 -19.59 -18.22 -4.79
N CME B 45 -19.08 -17.43 -3.84
CA CME B 45 -17.96 -16.53 -4.08
CB CME B 45 -17.57 -15.68 -2.85
SG CME B 45 -17.46 -16.64 -1.38
SD CME B 45 -19.46 -16.80 -0.67
CE CME B 45 -20.09 -18.42 -0.98
CZ CME B 45 -19.21 -19.55 -0.49
OH CME B 45 -18.54 -20.04 -1.65
C CME B 45 -16.72 -17.28 -4.53
O CME B 45 -15.95 -16.86 -5.39
N ILE B 46 -16.50 -18.45 -3.93
CA ILE B 46 -15.34 -19.27 -4.28
C ILE B 46 -15.43 -19.71 -5.75
N GLY B 47 -16.65 -19.95 -6.23
CA GLY B 47 -16.87 -20.36 -7.60
C GLY B 47 -16.62 -19.29 -8.64
N VAL B 48 -16.85 -18.03 -8.27
CA VAL B 48 -16.60 -16.92 -9.18
C VAL B 48 -15.13 -16.92 -9.52
N THR B 49 -14.30 -17.11 -8.52
CA THR B 49 -12.87 -17.04 -8.70
C THR B 49 -12.33 -18.29 -9.41
N VAL B 50 -12.84 -19.46 -9.04
CA VAL B 50 -12.43 -20.72 -9.66
C VAL B 50 -12.73 -20.69 -11.15
N VAL B 51 -13.91 -20.21 -11.51
CA VAL B 51 -14.26 -20.15 -12.92
C VAL B 51 -13.31 -19.23 -13.69
N ASN B 52 -12.97 -18.09 -13.11
CA ASN B 52 -12.13 -17.11 -13.80
C ASN B 52 -10.70 -17.58 -14.00
N LEU B 53 -10.23 -18.48 -13.15
CA LEU B 53 -8.88 -19.02 -13.30
C LEU B 53 -8.78 -19.93 -14.54
N ASN B 54 -9.92 -20.44 -15.00
CA ASN B 54 -9.98 -21.22 -16.26
C ASN B 54 -9.06 -22.43 -16.22
N ARG B 55 -9.01 -23.08 -15.07
CA ARG B 55 -8.08 -24.18 -14.85
C ARG B 55 -8.76 -25.46 -14.38
N GLU B 56 -8.73 -26.48 -15.24
CA GLU B 56 -9.47 -27.70 -14.95
C GLU B 56 -8.82 -28.47 -13.83
N ASP B 57 -7.60 -28.10 -13.47
CA ASP B 57 -6.87 -28.81 -12.42
C ASP B 57 -7.21 -28.29 -11.02
N LEU B 58 -7.99 -27.21 -10.98
CA LEU B 58 -8.37 -26.60 -9.70
C LEU B 58 -9.82 -26.84 -9.33
N SER B 59 -10.03 -27.19 -8.07
CA SER B 59 -11.37 -27.14 -7.52
C SER B 59 -11.47 -25.94 -6.59
N ASN B 60 -10.35 -25.61 -5.94
CA ASN B 60 -10.27 -24.44 -5.08
C ASN B 60 -9.17 -23.48 -5.53
N PRO B 61 -9.39 -22.16 -5.36
CA PRO B 61 -8.33 -21.20 -5.71
C PRO B 61 -7.08 -21.50 -4.91
N PRO B 62 -5.91 -21.57 -5.58
CA PRO B 62 -4.71 -21.94 -4.84
C PRO B 62 -4.19 -20.76 -4.03
N LEU B 63 -3.73 -21.05 -2.82
CA LEU B 63 -3.34 -20.01 -1.87
C LEU B 63 -1.83 -19.95 -1.66
N ASN B 64 -1.08 -20.52 -2.62
CA ASN B 64 0.38 -20.64 -2.54
C ASN B 64 1.10 -19.31 -2.36
N LEU B 65 0.58 -18.29 -3.05
CA LEU B 65 1.17 -16.96 -3.08
C LEU B 65 0.15 -15.96 -2.55
N SER B 66 0.03 -15.91 -1.23
CA SER B 66 -0.91 -15.01 -0.58
C SER B 66 -0.14 -13.93 0.13
N PHE B 67 -0.64 -12.68 0.09
CA PHE B 67 0.08 -11.55 0.64
C PHE B 67 -0.80 -10.65 1.50
N GLY B 68 -0.17 -9.93 2.43
CA GLY B 68 -0.89 -9.04 3.32
C GLY B 68 -1.47 -7.81 2.65
N SER B 69 -0.94 -7.43 1.49
CA SER B 69 -1.44 -6.23 0.83
C SER B 69 -1.61 -6.41 -0.68
N LEU B 70 -2.52 -5.61 -1.23
CA LEU B 70 -2.71 -5.58 -2.67
C LEU B 70 -1.45 -5.10 -3.40
N ARG B 71 -0.71 -4.19 -2.77
CA ARG B 71 0.48 -3.64 -3.42
C ARG B 71 1.50 -4.74 -3.73
N THR B 72 1.73 -5.65 -2.78
CA THR B 72 2.69 -6.71 -2.98
C THR B 72 2.19 -7.68 -4.04
N ALA B 73 0.91 -8.04 -3.97
CA ALA B 73 0.30 -8.92 -4.95
C ALA B 73 0.42 -8.36 -6.38
N GLU B 74 0.23 -7.05 -6.53
CA GLU B 74 0.40 -6.41 -7.83
C GLU B 74 1.85 -6.51 -8.31
N ALA B 75 2.80 -6.35 -7.39
CA ALA B 75 4.20 -6.42 -7.74
C ALA B 75 4.60 -7.86 -8.12
N VAL B 76 4.03 -8.85 -7.42
CA VAL B 76 4.32 -10.26 -7.68
C VAL B 76 3.66 -10.69 -8.99
N GLN B 77 2.45 -10.22 -9.21
CA GLN B 77 1.76 -10.42 -10.47
C GLN B 77 2.60 -9.89 -11.64
N ALA B 78 3.13 -8.67 -11.51
CA ALA B 78 3.92 -8.12 -12.60
C ALA B 78 5.18 -8.95 -12.85
N ALA B 79 5.81 -9.41 -11.78
CA ALA B 79 7.05 -10.18 -11.91
C ALA B 79 6.81 -11.52 -12.60
N LEU B 80 5.72 -12.17 -12.23
CA LEU B 80 5.35 -13.47 -12.79
C LEU B 80 4.94 -13.37 -14.25
N ASN B 81 4.15 -12.35 -14.59
CA ASN B 81 3.77 -12.12 -15.97
C ASN B 81 4.98 -11.85 -16.84
N LYS B 82 5.94 -11.08 -16.34
CA LYS B 82 7.15 -10.81 -17.11
C LYS B 82 7.92 -12.10 -17.40
N ILE B 83 7.95 -13.03 -16.44
CA ILE B 83 8.63 -14.30 -16.66
C ILE B 83 7.86 -15.22 -17.63
N VAL B 84 6.55 -15.42 -17.41
CA VAL B 84 5.86 -16.35 -18.31
C VAL B 84 5.75 -15.78 -19.72
N ASP B 85 5.85 -14.45 -19.87
CA ASP B 85 5.86 -13.87 -21.21
C ASP B 85 7.13 -14.26 -22.01
N THR B 86 8.19 -14.70 -21.34
CA THR B 86 9.35 -15.22 -22.08
C THR B 86 9.15 -16.68 -22.54
N HIS B 87 7.98 -17.24 -22.23
CA HIS B 87 7.64 -18.64 -22.54
C HIS B 87 8.63 -19.67 -21.97
N PRO B 88 8.83 -19.67 -20.64
CA PRO B 88 9.73 -20.67 -20.07
C PRO B 88 9.12 -22.09 -19.96
N SER B 89 9.94 -23.11 -20.13
CA SER B 89 9.59 -24.44 -19.64
C SER B 89 9.59 -24.36 -18.12
N PRO B 90 8.99 -25.36 -17.44
CA PRO B 90 9.04 -25.36 -15.98
C PRO B 90 10.46 -25.21 -15.40
N ALA B 91 11.47 -25.84 -15.98
CA ALA B 91 12.83 -25.67 -15.45
C ALA B 91 13.32 -24.26 -15.65
N GLN B 92 12.99 -23.66 -16.79
CA GLN B 92 13.43 -22.29 -17.03
C GLN B 92 12.70 -21.32 -16.11
N TYR B 93 11.46 -21.66 -15.80
CA TYR B 93 10.66 -20.87 -14.87
C TYR B 93 11.31 -20.88 -13.48
N GLU B 94 11.69 -22.07 -13.03
CA GLU B 94 12.35 -22.21 -11.74
C GLU B 94 13.66 -21.39 -11.72
N ALA B 95 14.44 -21.48 -12.79
CA ALA B 95 15.68 -20.73 -12.87
C ALA B 95 15.45 -19.23 -12.87
N ALA B 96 14.43 -18.76 -13.59
CA ALA B 96 14.14 -17.33 -13.64
C ALA B 96 13.65 -16.78 -12.29
N VAL B 97 12.78 -17.55 -11.64
CA VAL B 97 12.23 -17.19 -10.34
C VAL B 97 13.35 -16.96 -9.31
N ALA B 98 14.40 -17.76 -9.38
CA ALA B 98 15.51 -17.64 -8.45
C ALA B 98 16.39 -16.39 -8.71
N LYS B 99 16.25 -15.80 -9.90
CA LYS B 99 17.02 -14.59 -10.21
C LYS B 99 16.21 -13.32 -10.01
N ASP B 100 14.92 -13.47 -9.80
CA ASP B 100 14.06 -12.29 -9.72
C ASP B 100 14.11 -11.67 -8.33
N PRO B 101 14.45 -10.37 -8.27
CA PRO B 101 14.58 -9.61 -7.02
C PRO B 101 13.40 -9.80 -6.04
N ILE B 102 12.18 -9.89 -6.55
CA ILE B 102 11.01 -10.10 -5.68
C ILE B 102 10.77 -11.58 -5.42
N LEU B 103 10.61 -12.36 -6.49
CA LEU B 103 10.14 -13.73 -6.39
C LEU B 103 11.12 -14.69 -5.71
N LYS B 104 12.41 -14.33 -5.68
CA LYS B 104 13.42 -15.28 -5.19
C LYS B 104 13.34 -15.44 -3.68
N ARG B 105 12.68 -14.50 -3.00
CA ARG B 105 12.56 -14.58 -1.56
C ARG B 105 11.24 -15.21 -1.11
N LEU B 106 10.40 -15.61 -2.06
CA LEU B 106 9.08 -16.11 -1.71
C LEU B 106 9.05 -17.62 -1.50
N LYS B 107 8.04 -18.10 -0.79
CA LYS B 107 7.75 -19.53 -0.72
C LYS B 107 6.72 -19.89 -1.78
N ASN B 108 6.81 -21.12 -2.31
CA ASN B 108 5.77 -21.75 -3.14
C ASN B 108 5.67 -21.23 -4.57
N VAL B 109 6.66 -20.48 -5.04
CA VAL B 109 6.57 -19.91 -6.37
C VAL B 109 6.60 -21.00 -7.44
N VAL B 110 7.41 -22.04 -7.23
CA VAL B 110 7.46 -23.14 -8.19
C VAL B 110 6.20 -23.97 -8.13
N LYS B 111 5.77 -24.33 -6.92
CA LYS B 111 4.50 -25.00 -6.75
C LYS B 111 3.35 -24.27 -7.48
N ALA B 112 3.39 -22.93 -7.47
CA ALA B 112 2.29 -22.14 -8.05
C ALA B 112 2.13 -22.36 -9.56
N LEU B 113 3.20 -22.78 -10.24
CA LEU B 113 3.09 -23.02 -11.67
C LEU B 113 2.39 -24.35 -11.97
N PRO B 114 1.28 -24.29 -12.73
CA PRO B 114 0.72 -25.53 -13.28
C PRO B 114 1.58 -26.01 -14.44
N SER B 115 2.53 -26.88 -14.14
CA SER B 115 3.54 -27.33 -15.09
C SER B 115 2.96 -27.82 -16.42
N TRP B 116 1.83 -28.51 -16.36
CA TRP B 116 1.29 -29.18 -17.51
C TRP B 116 0.70 -28.19 -18.53
N ILE B 117 0.39 -26.98 -18.10
CA ILE B 117 -0.03 -25.91 -19.02
C ILE B 117 1.20 -25.15 -19.50
N ASP B 118 1.33 -25.03 -20.82
CA ASP B 118 2.42 -24.28 -21.41
C ASP B 118 2.37 -22.81 -20.96
N SER B 119 3.51 -22.30 -20.51
CA SER B 119 3.57 -20.96 -19.90
C SER B 119 3.11 -19.86 -20.82
N ALA B 120 3.12 -20.11 -22.13
CA ALA B 120 2.64 -19.13 -23.10
C ALA B 120 1.15 -18.88 -22.94
N LYS B 121 0.44 -19.82 -22.34
CA LYS B 121 -0.99 -19.71 -22.13
C LYS B 121 -1.35 -19.23 -20.73
N LEU B 122 -0.36 -18.78 -19.96
CA LEU B 122 -0.60 -18.43 -18.57
C LEU B 122 -0.61 -16.94 -18.29
N LYS B 123 -1.40 -16.55 -17.32
CA LYS B 123 -1.49 -15.15 -16.91
C LYS B 123 -1.59 -15.10 -15.39
N ALA B 124 -0.82 -14.23 -14.74
CA ALA B 124 -0.94 -14.14 -13.28
C ALA B 124 -2.08 -13.21 -12.88
N SER B 125 -2.99 -13.74 -12.07
CA SER B 125 -4.20 -13.06 -11.66
C SER B 125 -4.28 -12.87 -10.14
N ILE B 126 -5.17 -12.00 -9.70
CA ILE B 126 -5.29 -11.65 -8.29
C ILE B 126 -6.73 -11.85 -7.83
N PHE B 127 -6.88 -12.49 -6.67
CA PHE B 127 -8.14 -12.44 -5.95
C PHE B 127 -7.81 -12.19 -4.48
N SER B 128 -8.80 -11.69 -3.73
CA SER B 128 -8.59 -11.46 -2.32
C SER B 128 -9.41 -12.48 -1.53
N LYS B 129 -8.83 -13.04 -0.48
CA LYS B 129 -9.55 -14.00 0.31
C LYS B 129 -9.70 -13.46 1.72
N ARG B 130 -10.89 -13.63 2.30
CA ARG B 130 -11.14 -13.24 3.67
C ARG B 130 -11.46 -14.50 4.44
N PHE B 131 -10.94 -14.61 5.66
CA PHE B 131 -11.08 -15.83 6.41
C PHE B 131 -10.83 -15.60 7.88
N TYR B 132 -11.02 -16.67 8.62
CA TYR B 132 -10.92 -16.70 10.07
C TYR B 132 -9.60 -17.27 10.48
N SER B 133 -8.96 -16.64 11.45
CA SER B 133 -7.60 -17.04 11.80
C SER B 133 -7.54 -18.31 12.65
N TRP B 134 -8.60 -18.59 13.40
CA TRP B 134 -8.52 -19.65 14.40
C TRP B 134 -8.78 -21.01 13.77
N GLN B 135 -7.82 -21.51 13.01
CA GLN B 135 -8.08 -22.65 12.15
C GLN B 135 -8.03 -23.98 12.87
N ASN B 136 -7.42 -24.00 14.04
CA ASN B 136 -7.46 -25.16 14.90
C ASN B 136 -7.94 -24.68 16.26
N PRO B 137 -9.09 -25.16 16.71
CA PRO B 137 -9.68 -24.67 17.96
C PRO B 137 -8.79 -24.91 19.17
N ASP B 138 -7.85 -25.85 19.06
CA ASP B 138 -6.91 -26.09 20.15
C ASP B 138 -5.82 -25.01 20.25
N TRP B 139 -5.64 -24.21 19.21
CA TRP B 139 -4.63 -23.15 19.24
C TRP B 139 -4.91 -22.15 20.33
N SER B 140 -3.86 -21.56 20.87
CA SER B 140 -4.06 -20.45 21.79
C SER B 140 -4.50 -19.23 21.00
N GLU B 141 -5.03 -18.23 21.70
CA GLU B 141 -5.40 -16.98 21.06
C GLU B 141 -4.20 -16.34 20.37
N GLU B 142 -3.05 -16.39 21.05
CA GLU B 142 -1.80 -15.86 20.53
C GLU B 142 -1.40 -16.50 19.20
N ARG B 143 -1.49 -17.82 19.14
CA ARG B 143 -1.10 -18.56 17.95
C ARG B 143 -2.10 -18.30 16.82
N ALA B 144 -3.39 -18.29 17.14
CA ALA B 144 -4.41 -18.01 16.13
C ALA B 144 -4.19 -16.64 15.51
N HIS B 145 -3.80 -15.67 16.33
CA HIS B 145 -3.73 -14.28 15.86
C HIS B 145 -2.40 -13.88 15.27
N THR B 146 -1.44 -14.78 15.28
CA THR B 146 -0.13 -14.48 14.73
C THR B 146 0.26 -15.42 13.60
N THR B 147 -0.45 -16.54 13.48
CA THR B 147 -0.11 -17.53 12.48
C THR B 147 -0.14 -16.93 11.05
N TYR B 148 -1.06 -16.01 10.79
CA TYR B 148 -1.21 -15.51 9.44
C TYR B 148 -0.69 -14.11 9.24
N ARG B 149 0.17 -13.66 10.15
CA ARG B 149 0.78 -12.35 9.98
C ARG B 149 1.71 -12.40 8.76
N PRO B 150 1.63 -11.37 7.93
CA PRO B 150 2.52 -11.32 6.76
C PRO B 150 4.00 -11.28 7.18
N ASP B 151 4.85 -11.92 6.40
CA ASP B 151 6.29 -11.85 6.59
C ASP B 151 6.72 -10.39 6.53
N ARG B 152 7.48 -9.92 7.51
CA ARG B 152 7.87 -8.51 7.55
C ARG B 152 8.60 -8.10 6.28
N GLU B 153 9.44 -9.01 5.79
CA GLU B 153 10.30 -8.75 4.65
C GLU B 153 9.57 -8.84 3.29
N THR B 154 8.71 -9.83 3.12
CA THR B 154 8.13 -10.11 1.81
C THR B 154 6.63 -9.89 1.72
N ASP B 155 5.99 -9.68 2.87
CA ASP B 155 4.54 -9.50 2.98
C ASP B 155 3.76 -10.79 2.66
N GLN B 156 4.49 -11.90 2.54
CA GLN B 156 3.84 -13.19 2.26
C GLN B 156 3.21 -13.79 3.53
N VAL B 157 1.98 -14.29 3.38
CA VAL B 157 1.27 -14.95 4.45
C VAL B 157 1.36 -16.46 4.27
N ASP B 158 1.75 -17.16 5.31
CA ASP B 158 1.85 -18.60 5.26
C ASP B 158 0.46 -19.22 5.41
N MET B 159 -0.09 -19.72 4.32
CA MET B 159 -1.40 -20.33 4.34
C MET B 159 -1.37 -21.85 4.54
N SER B 160 -0.20 -22.43 4.84
CA SER B 160 -0.08 -23.90 4.85
C SER B 160 -0.94 -24.56 5.95
N THR B 161 -1.16 -23.86 7.07
CA THR B 161 -2.00 -24.39 8.15
C THR B 161 -3.50 -24.15 7.97
N TYR B 162 -3.87 -23.47 6.90
CA TYR B 162 -5.26 -23.12 6.70
C TYR B 162 -6.10 -24.35 6.34
N ARG B 163 -7.29 -24.44 6.95
CA ARG B 163 -8.14 -25.64 6.89
C ARG B 163 -9.60 -25.34 6.53
N TYR B 164 -9.88 -24.14 6.02
CA TYR B 164 -11.25 -23.74 5.69
C TYR B 164 -12.22 -23.80 6.88
N ARG B 165 -11.69 -23.72 8.09
CA ARG B 165 -12.52 -23.69 9.27
C ARG B 165 -13.22 -22.34 9.39
N ALA B 166 -14.51 -22.38 9.70
CA ALA B 166 -15.28 -21.16 9.93
C ALA B 166 -15.26 -20.74 11.40
N ARG B 167 -15.42 -19.46 11.67
CA ARG B 167 -15.69 -19.04 13.02
C ARG B 167 -17.08 -19.60 13.35
N PRO B 168 -17.21 -20.33 14.47
CA PRO B 168 -18.50 -20.94 14.83
C PRO B 168 -19.64 -19.92 14.79
N GLY B 169 -20.62 -20.17 13.94
CA GLY B 169 -21.76 -19.28 13.78
C GLY B 169 -21.66 -18.33 12.61
N TYR B 170 -20.59 -18.43 11.84
CA TYR B 170 -20.37 -17.52 10.72
C TYR B 170 -20.04 -18.26 9.41
N VAL B 171 -19.84 -17.53 8.32
CA VAL B 171 -19.48 -18.20 7.04
C VAL B 171 -17.98 -18.41 7.02
N ASN B 172 -17.51 -19.37 6.22
CA ASN B 172 -16.11 -19.75 6.34
C ASN B 172 -15.18 -18.77 5.62
N PHE B 173 -15.61 -18.20 4.52
CA PHE B 173 -14.71 -17.33 3.75
C PHE B 173 -15.42 -16.41 2.77
N ASP B 174 -14.64 -15.53 2.17
CA ASP B 174 -15.08 -14.76 1.03
C ASP B 174 -13.94 -14.74 0.03
N TYR B 175 -14.30 -14.74 -1.25
CA TYR B 175 -13.32 -14.61 -2.31
C TYR B 175 -13.77 -13.48 -3.20
N GLY B 176 -12.85 -12.56 -3.51
CA GLY B 176 -13.16 -11.48 -4.41
C GLY B 176 -12.19 -11.49 -5.57
N TRP B 177 -12.70 -11.68 -6.77
CA TRP B 177 -11.85 -11.67 -7.95
C TRP B 177 -11.51 -10.24 -8.38
N PHE B 178 -10.24 -9.97 -8.66
CA PHE B 178 -9.80 -8.63 -9.04
C PHE B 178 -9.93 -8.39 -10.55
N ASP B 179 -10.93 -7.59 -10.92
CA ASP B 179 -11.14 -7.19 -12.31
C ASP B 179 -10.31 -5.94 -12.56
N GLN B 180 -9.18 -6.09 -13.22
CA GLN B 180 -8.28 -4.96 -13.33
C GLN B 180 -8.60 -4.11 -14.57
N ASP B 181 -9.67 -4.46 -15.27
CA ASP B 181 -10.18 -3.56 -16.32
C ASP B 181 -10.91 -2.37 -15.70
N THR B 182 -11.64 -2.63 -14.62
CA THR B 182 -12.44 -1.60 -13.94
C THR B 182 -12.04 -1.39 -12.48
N ASN B 183 -11.03 -2.13 -12.03
CA ASN B 183 -10.63 -2.15 -10.61
C ASN B 183 -11.81 -2.44 -9.70
N THR B 184 -12.61 -3.41 -10.06
CA THR B 184 -13.68 -3.84 -9.17
C THR B 184 -13.45 -5.27 -8.74
N TRP B 185 -14.14 -5.66 -7.67
CA TRP B 185 -13.93 -6.93 -7.02
C TRP B 185 -15.20 -7.78 -7.04
N TRP B 186 -15.11 -8.97 -7.61
CA TRP B 186 -16.30 -9.76 -7.87
C TRP B 186 -16.42 -10.93 -6.91
N HIS B 187 -17.59 -11.03 -6.28
CA HIS B 187 -17.84 -12.07 -5.31
C HIS B 187 -19.34 -12.41 -5.33
N ALA B 188 -19.82 -13.04 -4.28
CA ALA B 188 -21.22 -13.45 -4.22
C ALA B 188 -21.67 -13.54 -2.76
N ASN B 189 -22.97 -13.68 -2.55
CA ASN B 189 -23.50 -13.79 -1.20
C ASN B 189 -23.21 -15.17 -0.60
N HIS B 190 -23.56 -16.19 -1.36
CA HIS B 190 -23.44 -17.56 -0.87
C HIS B 190 -23.75 -18.50 -2.04
N GLU B 191 -23.59 -19.80 -1.80
CA GLU B 191 -23.88 -20.80 -2.83
C GLU B 191 -25.36 -20.81 -3.21
N GLU B 192 -25.63 -21.34 -4.40
CA GLU B 192 -26.98 -21.62 -4.89
C GLU B 192 -27.72 -22.52 -3.87
N PRO B 193 -29.05 -22.36 -3.73
CA PRO B 193 -29.96 -21.43 -4.43
C PRO B 193 -29.98 -20.03 -3.83
N ARG B 194 -30.52 -19.10 -4.60
CA ARG B 194 -30.66 -17.71 -4.21
C ARG B 194 -29.29 -17.02 -4.17
N MET B 195 -28.37 -17.50 -5.00
CA MET B 195 -27.08 -16.87 -5.17
C MET B 195 -27.21 -15.66 -6.08
N VAL B 196 -26.61 -14.55 -5.67
CA VAL B 196 -26.43 -13.39 -6.54
C VAL B 196 -24.94 -13.04 -6.56
N VAL B 197 -24.50 -12.38 -7.63
CA VAL B 197 -23.09 -11.99 -7.79
C VAL B 197 -22.92 -10.52 -7.46
N TYR B 198 -21.87 -10.17 -6.71
CA TYR B 198 -21.58 -8.76 -6.46
C TYR B 198 -20.37 -8.28 -7.23
N GLN B 199 -20.44 -7.04 -7.69
CA GLN B 199 -19.29 -6.30 -8.21
C GLN B 199 -19.07 -5.11 -7.29
N SER B 200 -17.99 -5.13 -6.50
CA SER B 200 -17.81 -4.15 -5.43
C SER B 200 -16.54 -3.32 -5.56
N THR B 201 -16.49 -2.21 -4.84
CA THR B 201 -15.22 -1.55 -4.59
C THR B 201 -14.44 -2.42 -3.60
N LEU B 202 -13.13 -2.22 -3.52
CA LEU B 202 -12.33 -3.00 -2.58
C LEU B 202 -12.79 -2.69 -1.16
N ARG B 203 -13.21 -1.45 -0.94
CA ARG B 203 -13.63 -1.03 0.38
C ARG B 203 -14.83 -1.84 0.83
N HIS B 204 -15.80 -1.96 -0.07
CA HIS B 204 -17.02 -2.68 0.26
C HIS B 204 -16.73 -4.15 0.42
N TYR B 205 -15.93 -4.69 -0.49
CA TYR B 205 -15.54 -6.10 -0.39
C TYR B 205 -14.84 -6.37 0.94
N SER B 206 -14.00 -5.44 1.39
CA SER B 206 -13.20 -5.61 2.60
C SER B 206 -13.87 -5.11 3.87
N ARG B 207 -15.12 -4.68 3.78
CA ARG B 207 -15.78 -4.06 4.93
C ARG B 207 -15.74 -4.99 6.16
N PRO B 208 -15.61 -4.39 7.36
CA PRO B 208 -15.58 -5.08 8.65
C PRO B 208 -16.71 -6.10 8.84
N LEU B 209 -16.36 -7.32 9.21
CA LEU B 209 -17.33 -8.38 9.42
C LEU B 209 -16.83 -9.27 10.53
N GLN B 210 -17.74 -9.70 11.40
CA GLN B 210 -17.41 -10.58 12.53
CA GLN B 210 -17.29 -10.53 12.51
C GLN B 210 -16.91 -11.95 12.03
N ASP B 211 -17.26 -12.31 10.80
CA ASP B 211 -16.87 -13.63 10.24
C ASP B 211 -15.35 -13.76 10.07
N PHE B 212 -14.70 -12.63 9.77
CA PHE B 212 -13.32 -12.65 9.25
C PHE B 212 -12.41 -11.70 10.02
N ASP B 213 -11.25 -12.19 10.41
CA ASP B 213 -10.25 -11.30 10.98
C ASP B 213 -8.96 -11.31 10.14
N GLU B 214 -9.00 -11.96 8.99
CA GLU B 214 -7.86 -11.98 8.08
C GLU B 214 -8.30 -11.72 6.64
N GLN B 215 -7.46 -10.99 5.92
CA GLN B 215 -7.66 -10.77 4.49
C GLN B 215 -6.30 -10.81 3.81
N VAL B 216 -6.17 -11.65 2.77
CA VAL B 216 -4.96 -11.72 1.97
C VAL B 216 -5.26 -11.38 0.53
N PHE B 217 -4.22 -11.01 -0.20
CA PHE B 217 -4.32 -10.83 -1.64
C PHE B 217 -3.44 -11.85 -2.29
N THR B 218 -4.02 -12.64 -3.18
CA THR B 218 -3.40 -13.86 -3.64
C THR B 218 -3.17 -13.80 -5.13
N VAL B 219 -2.00 -14.24 -5.56
CA VAL B 219 -1.68 -14.30 -6.96
C VAL B 219 -1.70 -15.75 -7.37
N ALA B 220 -2.31 -16.02 -8.51
CA ALA B 220 -2.45 -17.38 -9.03
C ALA B 220 -2.46 -17.33 -10.55
N PHE B 221 -1.95 -18.38 -11.18
CA PHE B 221 -1.97 -18.42 -12.63
C PHE B 221 -3.35 -18.82 -13.14
N ALA B 222 -3.86 -18.04 -14.08
CA ALA B 222 -5.05 -18.40 -14.84
C ALA B 222 -4.64 -18.79 -16.24
N LYS B 223 -5.42 -19.66 -16.86
CA LYS B 223 -5.22 -19.99 -18.26
C LYS B 223 -5.92 -18.94 -19.11
N LYS B 224 -5.20 -18.38 -20.08
CA LYS B 224 -5.78 -17.34 -20.94
C LYS B 224 -6.86 -17.94 -21.82
N ASP B 225 -7.75 -17.08 -22.30
CA ASP B 225 -8.80 -17.51 -23.23
C ASP B 225 -8.21 -18.09 -24.51
O1 MES C . -4.94 19.96 5.01
C2 MES C . -4.68 21.23 5.59
C3 MES C . -4.37 22.26 4.51
N4 MES C . -3.30 21.72 3.68
C5 MES C . -3.46 20.37 3.12
C6 MES C . -3.82 19.45 4.29
C7 MES C . -2.55 22.66 2.87
C8 MES C . -1.68 23.50 3.81
S MES C . -0.91 24.67 2.88
O1S MES C . -0.21 25.65 3.77
O2S MES C . 0.06 24.00 1.98
O3S MES C . -1.90 25.35 2.01
O1 MES D . -14.18 7.99 -14.06
C2 MES D . -14.65 7.81 -12.72
C3 MES D . -14.45 9.08 -11.88
N4 MES D . -13.06 9.52 -12.09
C5 MES D . -12.54 9.66 -13.45
C6 MES D . -12.80 8.34 -14.14
C7 MES D . -12.38 10.21 -11.02
C8 MES D . -11.11 9.38 -10.91
S MES D . -11.12 8.46 -9.51
O1S MES D . -10.58 7.11 -9.83
O2S MES D . -10.23 9.11 -8.51
O3S MES D . -12.49 8.36 -8.95
O1 MES E . 11.66 -4.68 -4.93
C2 MES E . 11.81 -5.24 -3.62
C3 MES E . 10.47 -5.62 -2.97
N4 MES E . 9.59 -4.45 -3.11
C5 MES E . 9.35 -3.98 -4.47
C6 MES E . 10.71 -3.62 -5.04
C7 MES E . 8.59 -4.17 -2.07
C8 MES E . 9.41 -3.88 -0.81
S MES E . 8.55 -3.23 0.47
O1S MES E . 8.77 -4.12 1.64
O2S MES E . 9.06 -1.87 0.82
O3S MES E . 7.11 -3.17 0.15
CL CL F . 17.44 0.97 -4.60
O1 PG4 G . 21.01 -5.92 16.74
C1 PG4 G . 20.22 -6.43 17.78
C2 PG4 G . 18.93 -7.02 17.22
O2 PG4 G . 18.45 -6.22 16.17
C3 PG4 G . 17.12 -6.48 15.83
C4 PG4 G . 16.52 -5.32 15.04
O3 PG4 G . 17.30 -5.04 13.92
C5 PG4 G . 16.62 -4.67 12.75
C6 PG4 G . 17.66 -4.29 11.70
O4 PG4 G . 18.90 -4.05 12.33
C7 PG4 G . 19.98 -3.69 11.49
C8 PG4 G . 21.27 -4.25 12.09
O5 PG4 G . 21.80 -5.25 11.24
O1 MES H . -5.58 -26.30 1.76
C2 MES H . -4.78 -26.84 0.72
C3 MES H . -3.31 -26.44 0.85
N4 MES H . -3.14 -25.07 1.37
C5 MES H . -4.15 -24.45 2.22
C6 MES H . -5.52 -24.88 1.73
C7 MES H . -1.77 -24.66 1.62
C8 MES H . -1.14 -24.32 0.28
S MES H . 0.31 -23.52 0.49
O1S MES H . 1.25 -23.82 -0.62
O2S MES H . -0.04 -22.08 0.50
O3S MES H . 1.00 -23.85 1.76
O1 MES I . -9.85 -21.32 23.56
C2 MES I . -10.28 -19.95 23.58
C3 MES I . -11.63 -19.76 22.90
N4 MES I . -11.57 -20.44 21.61
C5 MES I . -11.19 -21.85 21.57
C6 MES I . -9.83 -21.92 22.25
C7 MES I . -12.47 -19.96 20.58
C8 MES I . -11.91 -20.51 19.27
S MES I . -13.18 -20.73 18.21
O1S MES I . -14.23 -19.74 18.56
O2S MES I . -12.72 -20.52 16.82
O3S MES I . -13.71 -22.11 18.34
CL CL J . -3.85 -23.88 -1.70
#